data_7FI9
#
_entry.id   7FI9
#
_cell.length_a   123.808
_cell.length_b   123.808
_cell.length_c   181.323
_cell.angle_alpha   90.000
_cell.angle_beta   90.000
_cell.angle_gamma   90.000
#
_symmetry.space_group_name_H-M   'I 4 2 2'
#
loop_
_entity.id
_entity.type
_entity.pdbx_description
1 polymer 'NKG2-D type II integral membrane protein'
2 polymer 'MHC class I polypeptide-related sequence A'
3 non-polymer GLYCEROL
4 water water
#
loop_
_entity_poly.entity_id
_entity_poly.type
_entity_poly.pdbx_seq_one_letter_code
_entity_poly.pdbx_strand_id
1 'polypeptide(L)'
;MENSLFNQEVQIPLTESYCGPCPKNWICYKNNCYQFFDESKNWYESQASCMSQNASLLKVYSKEDQDLLKLVKSYHWMGL
VHIPTNGSWQWEDGSILSPNLLTIIEMQKGDCALYASSFKGYIENCSTPNTYICMQRTV
;
A,B
2 'polypeptide(L)'
;MEPHSLRYDFTVLSWDGSVQSGFLTEVHLDGQPFIRCDRQKCRAKPQGQWAEDVLGNKTWDRETRDLTGNGKDLRMTLAH
IKDQKEGLHSLQEIRVCEIHEDNSTRSSHHFYYDGELFLSWNLETKEFTMPQSSRAQTLAMNVRNFWKEDAMKTKTHFHA
MRADCLQELRRYLKSGVILRRTVPPMVNVTRSEASEGNITVTCRASGFYPWNITLSWRQDGVSLSHDTQQWGDVLPDGNG
TYQTWVATRICQGEEQRFTCYMEHSGNHSTHPVPS
;
C
#
# COMPACT_ATOMS: atom_id res chain seq x y z
N GLU A 16 8.30 25.57 29.72
CA GLU A 16 9.60 24.99 30.21
C GLU A 16 10.25 24.16 29.07
N SER A 17 11.55 23.99 29.16
CA SER A 17 12.39 23.24 28.18
C SER A 17 12.27 21.74 28.43
N TYR A 18 11.77 21.35 29.60
CA TYR A 18 11.74 19.95 30.11
C TYR A 18 10.30 19.44 30.11
N CYS A 19 10.19 18.19 29.71
CA CYS A 19 8.91 17.47 29.51
C CYS A 19 8.97 16.25 30.42
N GLY A 20 7.96 16.01 31.22
CA GLY A 20 7.90 14.80 32.03
C GLY A 20 7.34 15.06 33.41
N PRO A 21 7.67 14.22 34.42
CA PRO A 21 8.61 13.10 34.24
C PRO A 21 8.00 11.90 33.47
N CYS A 22 8.81 11.14 32.73
CA CYS A 22 8.34 9.99 31.91
C CYS A 22 9.32 8.84 32.02
N PRO A 23 8.94 7.58 31.67
CA PRO A 23 9.92 6.51 31.53
C PRO A 23 10.95 6.91 30.48
N LYS A 24 12.18 6.40 30.60
CA LYS A 24 13.35 6.96 29.90
C LYS A 24 13.15 6.86 28.38
N ASN A 25 12.52 5.81 27.88
CA ASN A 25 12.47 5.57 26.41
C ASN A 25 11.04 5.78 25.91
N TRP A 26 10.24 6.60 26.59
CA TRP A 26 8.83 6.89 26.20
C TRP A 26 8.76 8.24 25.50
N ILE A 27 7.70 8.45 24.73
CA ILE A 27 7.46 9.74 24.02
C ILE A 27 6.86 10.72 25.03
N CYS A 28 7.48 11.89 25.22
CA CYS A 28 6.95 12.96 26.09
C CYS A 28 6.34 14.10 25.23
N TYR A 29 5.13 14.55 25.57
CA TYR A 29 4.46 15.68 24.88
C TYR A 29 3.50 16.39 25.82
N LYS A 30 3.78 17.66 26.13
CA LYS A 30 3.00 18.48 27.08
C LYS A 30 2.89 17.75 28.42
N ASN A 31 3.97 17.07 28.82
CA ASN A 31 4.07 16.32 30.10
C ASN A 31 3.20 15.05 30.13
N ASN A 32 2.61 14.59 29.02
CA ASN A 32 2.04 13.22 28.94
C ASN A 32 3.10 12.28 28.39
N CYS A 33 3.04 11.02 28.79
CA CYS A 33 4.04 10.01 28.42
C CYS A 33 3.32 8.93 27.61
N TYR A 34 3.86 8.59 26.43
CA TYR A 34 3.18 7.71 25.45
C TYR A 34 4.16 6.65 24.96
N GLN A 35 3.60 5.51 24.55
CA GLN A 35 4.35 4.55 23.70
C GLN A 35 3.36 3.79 22.82
N PHE A 36 3.85 3.34 21.67
CA PHE A 36 3.10 2.62 20.61
C PHE A 36 3.63 1.19 20.59
N PHE A 37 2.75 0.19 20.53
CA PHE A 37 3.16 -1.23 20.53
C PHE A 37 2.66 -1.85 19.23
N ASP A 38 3.59 -2.37 18.45
CA ASP A 38 3.46 -3.06 17.14
C ASP A 38 2.91 -4.47 17.27
N GLU A 39 3.10 -5.12 18.40
CA GLU A 39 2.66 -6.53 18.63
C GLU A 39 1.15 -6.51 18.85
N SER A 40 0.40 -7.18 17.99
CA SER A 40 -1.08 -7.13 17.98
C SER A 40 -1.59 -7.91 19.19
N LYS A 41 -2.46 -7.31 19.99
CA LYS A 41 -3.09 -7.98 21.13
C LYS A 41 -4.55 -7.56 21.19
N ASN A 42 -5.38 -8.39 21.81
CA ASN A 42 -6.79 -8.07 22.05
C ASN A 42 -6.83 -6.96 23.09
N TRP A 43 -8.00 -6.37 23.30
CA TRP A 43 -8.16 -5.19 24.18
C TRP A 43 -7.63 -5.53 25.59
N TYR A 44 -8.03 -6.69 26.12
CA TYR A 44 -7.75 -7.11 27.52
C TYR A 44 -6.24 -7.27 27.68
N GLU A 45 -5.58 -7.97 26.75
CA GLU A 45 -4.11 -8.16 26.78
C GLU A 45 -3.38 -6.82 26.52
N SER A 46 -3.91 -5.93 25.69
CA SER A 46 -3.30 -4.58 25.45
C SER A 46 -3.33 -3.78 26.76
N GLN A 47 -4.46 -3.80 27.48
CA GLN A 47 -4.65 -3.07 28.74
C GLN A 47 -3.68 -3.65 29.80
N ALA A 48 -3.58 -4.98 29.90
CA ALA A 48 -2.64 -5.63 30.85
C ALA A 48 -1.22 -5.21 30.49
N SER A 49 -0.88 -5.24 29.20
CA SER A 49 0.49 -4.83 28.75
C SER A 49 0.77 -3.37 29.13
N CYS A 50 -0.14 -2.43 28.86
CA CYS A 50 0.07 -1.01 29.31
C CYS A 50 0.25 -0.96 30.84
N MET A 51 -0.57 -1.70 31.60
CA MET A 51 -0.52 -1.58 33.09
C MET A 51 0.79 -2.17 33.60
N SER A 52 1.34 -3.19 32.93
CA SER A 52 2.66 -3.77 33.27
C SER A 52 3.76 -2.70 33.17
N GLN A 53 3.54 -1.65 32.37
CA GLN A 53 4.55 -0.60 32.13
C GLN A 53 4.16 0.65 32.91
N ASN A 54 3.33 0.51 33.95
CA ASN A 54 2.95 1.64 34.84
C ASN A 54 2.14 2.67 34.05
N ALA A 55 1.23 2.20 33.22
CA ALA A 55 0.48 3.06 32.29
C ALA A 55 -0.91 2.46 32.12
N SER A 56 -1.62 2.93 31.12
CA SER A 56 -2.97 2.46 30.74
C SER A 56 -3.10 2.65 29.23
N LEU A 57 -4.13 2.09 28.60
CA LEU A 57 -4.38 2.40 27.18
C LEU A 57 -4.69 3.90 27.08
N LEU A 58 -4.38 4.47 25.92
CA LEU A 58 -4.64 5.90 25.57
C LEU A 58 -5.98 6.33 26.13
N LYS A 59 -5.99 7.42 26.90
CA LYS A 59 -7.22 8.16 27.24
C LYS A 59 -7.18 9.50 26.50
N VAL A 60 -8.21 9.81 25.74
CA VAL A 60 -8.36 11.12 25.03
C VAL A 60 -9.21 12.03 25.92
N TYR A 61 -8.61 13.10 26.46
CA TYR A 61 -9.29 14.07 27.38
C TYR A 61 -9.19 15.51 26.83
N SER A 62 -8.32 15.79 25.86
CA SER A 62 -8.12 17.18 25.38
C SER A 62 -7.54 17.20 23.96
N LYS A 63 -8.27 17.80 23.02
CA LYS A 63 -7.82 18.02 21.62
C LYS A 63 -6.60 18.92 21.57
N GLU A 64 -6.51 19.90 22.48
CA GLU A 64 -5.39 20.87 22.53
C GLU A 64 -4.16 20.15 23.11
N ASP A 65 -4.27 19.55 24.29
CA ASP A 65 -3.11 18.91 24.97
C ASP A 65 -2.65 17.66 24.18
N GLN A 66 -3.54 17.02 23.42
CA GLN A 66 -3.19 15.75 22.71
C GLN A 66 -3.31 15.95 21.21
N ASP A 67 -3.01 17.17 20.70
CA ASP A 67 -3.15 17.53 19.27
C ASP A 67 -2.23 16.64 18.41
N LEU A 68 -1.14 16.11 18.99
CA LEU A 68 -0.19 15.20 18.28
C LEU A 68 -0.91 13.93 17.82
N LEU A 69 -2.06 13.59 18.42
CA LEU A 69 -2.81 12.39 18.02
C LEU A 69 -3.37 12.59 16.60
N LYS A 70 -3.35 13.82 16.06
CA LYS A 70 -3.79 14.07 14.65
C LYS A 70 -2.84 13.36 13.67
N LEU A 71 -1.58 13.15 14.04
CA LEU A 71 -0.51 12.67 13.11
C LEU A 71 -0.32 11.15 13.18
N VAL A 72 -1.16 10.43 13.91
CA VAL A 72 -1.04 8.96 14.06
C VAL A 72 -1.64 8.30 12.82
N LYS A 73 -0.85 7.49 12.14
CA LYS A 73 -1.29 6.54 11.08
C LYS A 73 -2.04 5.34 11.67
N SER A 74 -2.99 4.77 10.93
CA SER A 74 -3.66 3.47 11.20
C SER A 74 -4.53 3.57 12.47
N TYR A 75 -5.05 2.44 12.95
CA TYR A 75 -5.94 2.39 14.14
C TYR A 75 -5.28 1.51 15.20
N HIS A 76 -5.61 1.80 16.47
CA HIS A 76 -4.87 1.28 17.67
C HIS A 76 -5.84 1.23 18.85
N TRP A 77 -5.77 0.18 19.67
CA TRP A 77 -6.61 0.13 20.89
C TRP A 77 -6.36 1.38 21.73
N MET A 78 -7.43 1.98 22.24
CA MET A 78 -7.42 2.97 23.35
C MET A 78 -8.31 2.47 24.49
N GLY A 79 -8.36 3.18 25.63
CA GLY A 79 -8.94 2.61 26.86
C GLY A 79 -10.45 2.78 26.93
N LEU A 80 -11.14 2.84 25.79
CA LEU A 80 -12.56 3.19 25.75
C LEU A 80 -13.40 1.90 25.60
N VAL A 81 -14.40 1.76 26.47
CA VAL A 81 -15.19 0.50 26.62
C VAL A 81 -16.69 0.83 26.73
N HIS A 82 -17.53 -0.06 26.24
CA HIS A 82 -19.00 0.03 26.33
C HIS A 82 -19.44 -0.89 27.47
N ILE A 83 -20.11 -0.34 28.47
CA ILE A 83 -20.94 -1.15 29.42
C ILE A 83 -22.38 -1.02 28.93
N PRO A 84 -23.01 -2.11 28.42
CA PRO A 84 -24.37 -2.01 27.85
C PRO A 84 -25.43 -1.73 28.93
N THR A 85 -25.15 -2.17 30.16
CA THR A 85 -26.04 -2.06 31.36
C THR A 85 -26.38 -0.58 31.63
N ASN A 86 -25.41 0.34 31.50
CA ASN A 86 -25.58 1.81 31.74
C ASN A 86 -25.79 2.54 30.40
N GLY A 87 -25.16 2.08 29.33
CA GLY A 87 -25.56 2.32 27.93
C GLY A 87 -24.86 3.52 27.31
N SER A 88 -23.59 3.76 27.65
CA SER A 88 -22.70 4.74 26.96
C SER A 88 -21.24 4.28 27.02
N TRP A 89 -20.32 5.12 26.54
CA TRP A 89 -18.86 4.82 26.44
C TRP A 89 -18.13 5.47 27.60
N GLN A 90 -17.27 4.70 28.26
CA GLN A 90 -16.40 5.27 29.31
C GLN A 90 -14.99 4.65 29.20
N TRP A 91 -14.03 5.29 29.86
CA TRP A 91 -12.62 4.88 29.95
C TRP A 91 -12.49 3.80 31.02
N GLU A 92 -11.42 3.02 30.91
CA GLU A 92 -11.16 1.83 31.73
C GLU A 92 -11.16 2.27 33.21
N ASP A 93 -10.76 3.51 33.52
CA ASP A 93 -10.62 4.03 34.92
C ASP A 93 -12.00 4.45 35.48
N GLY A 94 -13.11 4.20 34.77
CA GLY A 94 -14.46 4.59 35.23
C GLY A 94 -14.86 6.00 34.86
N SER A 95 -13.93 6.83 34.38
CA SER A 95 -14.25 8.25 34.02
C SER A 95 -15.09 8.27 32.73
N ILE A 96 -15.89 9.32 32.53
CA ILE A 96 -16.83 9.42 31.38
C ILE A 96 -16.05 9.87 30.13
N LEU A 97 -16.53 9.48 28.96
CA LEU A 97 -16.13 10.12 27.68
C LEU A 97 -16.73 11.52 27.70
N SER A 98 -15.88 12.55 27.71
CA SER A 98 -16.35 13.96 27.62
C SER A 98 -16.92 14.21 26.23
N PRO A 99 -18.05 14.94 26.10
CA PRO A 99 -18.64 15.22 24.80
C PRO A 99 -17.67 16.06 23.95
N ASN A 100 -17.78 16.00 22.63
CA ASN A 100 -17.02 16.88 21.67
C ASN A 100 -15.52 16.59 21.70
N LEU A 101 -15.12 15.38 22.11
CA LEU A 101 -13.71 14.94 21.91
C LEU A 101 -13.62 13.93 20.75
N LEU A 102 -14.44 12.88 20.74
CA LEU A 102 -14.30 11.75 19.76
C LEU A 102 -15.59 11.65 18.95
N THR A 103 -15.48 11.34 17.65
CA THR A 103 -16.60 10.82 16.84
C THR A 103 -16.47 9.29 16.84
N ILE A 104 -17.49 8.60 17.33
CA ILE A 104 -17.52 7.13 17.38
C ILE A 104 -18.18 6.63 16.09
N ILE A 105 -17.51 5.71 15.41
CA ILE A 105 -17.99 5.09 14.15
C ILE A 105 -18.15 3.60 14.39
N GLU A 106 -19.26 3.04 13.93
CA GLU A 106 -19.57 1.61 14.07
C GLU A 106 -18.77 0.92 12.97
N MET A 107 -17.78 0.09 13.32
CA MET A 107 -16.98 -0.65 12.33
C MET A 107 -17.38 -2.13 12.42
N GLN A 108 -17.03 -2.79 13.51
CA GLN A 108 -17.49 -4.15 13.88
C GLN A 108 -18.38 -4.03 15.12
N LYS A 109 -19.45 -4.83 15.22
CA LYS A 109 -20.22 -5.01 16.49
C LYS A 109 -19.23 -5.34 17.60
N GLY A 110 -19.29 -4.68 18.77
CA GLY A 110 -18.31 -4.91 19.85
C GLY A 110 -18.41 -3.87 20.94
N ASP A 111 -17.63 -4.02 22.01
CA ASP A 111 -17.74 -3.19 23.24
C ASP A 111 -16.40 -2.48 23.50
N CYS A 112 -15.49 -2.43 22.54
CA CYS A 112 -14.18 -1.72 22.68
C CYS A 112 -13.97 -0.78 21.49
N ALA A 113 -13.07 0.20 21.61
CA ALA A 113 -12.87 1.19 20.53
C ALA A 113 -11.40 1.32 20.17
N LEU A 114 -11.12 1.44 18.86
CA LEU A 114 -9.79 1.78 18.31
C LEU A 114 -9.68 3.29 18.14
N TYR A 115 -8.55 3.87 18.50
CA TYR A 115 -8.26 5.27 18.17
C TYR A 115 -7.81 5.33 16.71
N ALA A 116 -8.30 6.31 15.96
CA ALA A 116 -7.70 6.74 14.67
C ALA A 116 -7.79 8.26 14.52
N SER A 117 -6.85 8.82 13.77
CA SER A 117 -6.78 10.25 13.40
C SER A 117 -7.96 10.67 12.52
N SER A 118 -8.60 11.83 12.69
CA SER A 118 -8.42 12.80 13.76
C SER A 118 -9.50 12.58 14.79
N PHE A 119 -9.13 12.16 16.00
CA PHE A 119 -10.07 12.04 17.13
C PHE A 119 -11.30 11.24 16.68
N LYS A 120 -11.03 10.07 16.12
CA LYS A 120 -12.05 9.05 15.79
C LYS A 120 -11.92 7.87 16.74
N GLY A 121 -13.05 7.25 17.04
CA GLY A 121 -13.11 5.96 17.72
C GLY A 121 -13.86 4.98 16.84
N TYR A 122 -13.25 3.87 16.48
CA TYR A 122 -13.90 2.79 15.68
C TYR A 122 -14.25 1.65 16.62
N ILE A 123 -15.53 1.37 16.74
CA ILE A 123 -16.05 0.24 17.56
C ILE A 123 -15.52 -1.04 16.92
N GLU A 124 -14.90 -1.88 17.74
CA GLU A 124 -14.19 -3.11 17.30
C GLU A 124 -14.56 -4.23 18.29
N ASN A 125 -14.49 -5.47 17.84
CA ASN A 125 -14.63 -6.66 18.73
C ASN A 125 -13.43 -6.66 19.69
N CYS A 126 -13.70 -6.63 21.00
CA CYS A 126 -12.68 -6.64 22.08
C CYS A 126 -11.66 -7.78 21.88
N SER A 127 -12.04 -8.88 21.22
CA SER A 127 -11.19 -10.08 21.04
C SER A 127 -10.26 -9.98 19.84
N THR A 128 -10.49 -9.02 18.93
CA THR A 128 -9.66 -8.84 17.71
C THR A 128 -8.30 -8.29 18.07
N PRO A 129 -7.21 -8.98 17.70
CA PRO A 129 -5.87 -8.46 17.92
C PRO A 129 -5.59 -7.19 17.10
N ASN A 130 -4.96 -6.22 17.76
CA ASN A 130 -4.68 -4.87 17.18
C ASN A 130 -3.44 -4.29 17.87
N THR A 131 -2.79 -3.35 17.17
CA THR A 131 -1.74 -2.51 17.78
C THR A 131 -2.43 -1.61 18.83
N TYR A 132 -1.65 -1.00 19.70
CA TYR A 132 -2.20 -0.31 20.88
C TYR A 132 -1.24 0.81 21.27
N ILE A 133 -1.82 1.83 21.86
CA ILE A 133 -1.10 3.03 22.38
C ILE A 133 -1.32 3.07 23.88
N CYS A 134 -0.22 3.17 24.63
CA CYS A 134 -0.22 3.38 26.09
C CYS A 134 0.03 4.86 26.38
N MET A 135 -0.59 5.33 27.44
CA MET A 135 -0.35 6.71 27.96
C MET A 135 -0.32 6.63 29.49
N GLN A 136 0.62 7.28 30.16
CA GLN A 136 0.56 7.36 31.64
C GLN A 136 -0.64 8.22 32.06
N ARG A 137 -1.41 7.69 33.03
CA ARG A 137 -2.55 8.32 33.76
C ARG A 137 -2.15 9.76 34.16
N THR A 138 -2.92 10.76 33.72
CA THR A 138 -2.48 12.19 33.65
C THR A 138 -2.26 12.73 35.08
N VAL A 139 -1.25 13.59 35.23
CA VAL A 139 -0.67 14.08 36.52
C VAL A 139 -1.71 14.96 37.23
N SER B 4 18.21 -2.26 32.15
CA SER B 4 18.70 -2.03 33.55
C SER B 4 18.51 -0.55 33.93
N LEU B 5 17.24 -0.11 34.05
CA LEU B 5 16.88 1.22 34.62
C LEU B 5 17.32 1.25 36.10
N PHE B 6 17.20 0.09 36.75
CA PHE B 6 17.69 -0.21 38.13
C PHE B 6 18.95 -1.08 38.06
N ASN B 7 18.78 -2.25 37.42
CA ASN B 7 19.82 -3.25 37.06
C ASN B 7 19.21 -4.26 36.07
N GLN B 8 17.86 -4.33 36.03
CA GLN B 8 17.00 -4.72 34.87
C GLN B 8 15.92 -3.64 34.65
N GLU B 9 15.16 -3.76 33.56
CA GLU B 9 14.16 -2.75 33.09
C GLU B 9 12.86 -2.92 33.89
N VAL B 10 12.38 -1.82 34.47
CA VAL B 10 11.05 -1.72 35.15
C VAL B 10 10.60 -0.26 35.12
N GLN B 11 9.32 -0.06 34.85
CA GLN B 11 8.72 1.30 34.82
C GLN B 11 8.05 1.57 36.15
N ILE B 12 8.68 2.41 36.97
CA ILE B 12 8.17 2.86 38.29
C ILE B 12 8.49 4.34 38.39
N PRO B 13 7.78 5.09 39.26
CA PRO B 13 8.04 6.51 39.49
C PRO B 13 9.51 6.85 39.76
N LEU B 14 10.24 5.94 40.42
CA LEU B 14 11.68 6.16 40.74
C LEU B 14 12.57 6.10 39.49
N THR B 15 12.19 5.42 38.41
CA THR B 15 13.07 5.29 37.21
C THR B 15 12.64 6.31 36.15
N GLU B 16 11.70 7.20 36.46
CA GLU B 16 11.21 8.26 35.54
C GLU B 16 12.24 9.39 35.50
N SER B 17 12.34 10.09 34.36
CA SER B 17 13.22 11.26 34.16
C SER B 17 12.50 12.35 33.36
N TYR B 18 13.07 13.56 33.32
CA TYR B 18 12.62 14.64 32.42
C TYR B 18 13.34 14.47 31.07
N CYS B 19 12.59 14.75 30.01
CA CYS B 19 13.15 14.72 28.64
C CYS B 19 13.43 16.18 28.24
N GLY B 20 14.61 16.47 27.73
CA GLY B 20 14.95 17.83 27.25
C GLY B 20 16.42 18.15 27.46
N PRO B 21 16.85 19.42 27.29
CA PRO B 21 15.92 20.53 27.07
C PRO B 21 15.39 20.58 25.63
N CYS B 22 14.15 21.05 25.42
CA CYS B 22 13.54 21.20 24.06
C CYS B 22 12.81 22.53 23.98
N PRO B 23 12.47 23.03 22.77
CA PRO B 23 11.55 24.16 22.69
C PRO B 23 10.21 23.80 23.33
N LYS B 24 9.49 24.82 23.79
CA LYS B 24 8.21 24.70 24.52
C LYS B 24 7.23 23.87 23.67
N ASN B 25 6.71 22.80 24.25
CA ASN B 25 5.57 22.02 23.69
C ASN B 25 6.03 21.29 22.41
N TRP B 26 7.32 20.98 22.28
CA TRP B 26 7.78 20.05 21.22
C TRP B 26 7.65 18.59 21.74
N ILE B 27 7.78 17.62 20.85
CA ILE B 27 7.88 16.19 21.22
C ILE B 27 9.31 15.91 21.68
N CYS B 28 9.47 15.27 22.82
CA CYS B 28 10.80 14.88 23.34
C CYS B 28 10.83 13.36 23.38
N TYR B 29 11.88 12.77 22.81
CA TYR B 29 12.02 11.30 22.69
C TYR B 29 13.47 10.92 22.47
N LYS B 30 14.05 10.21 23.46
CA LYS B 30 15.40 9.63 23.38
C LYS B 30 16.39 10.70 22.94
N ASN B 31 16.37 11.84 23.66
CA ASN B 31 17.36 12.94 23.55
C ASN B 31 17.16 13.72 22.23
N ASN B 32 15.98 13.67 21.63
CA ASN B 32 15.69 14.47 20.41
C ASN B 32 14.40 15.23 20.65
N CYS B 33 14.29 16.39 20.01
CA CYS B 33 13.11 17.27 20.09
C CYS B 33 12.52 17.33 18.69
N TYR B 34 11.20 17.17 18.54
CA TYR B 34 10.52 17.22 17.24
C TYR B 34 9.29 18.11 17.31
N GLN B 35 8.99 18.70 16.16
CA GLN B 35 7.71 19.42 15.97
C GLN B 35 7.29 19.24 14.52
N PHE B 36 5.98 19.15 14.33
CA PHE B 36 5.31 18.99 13.02
C PHE B 36 4.66 20.34 12.69
N PHE B 37 4.89 20.87 11.50
CA PHE B 37 4.30 22.16 11.07
C PHE B 37 3.30 21.84 9.97
N ASP B 38 2.03 22.19 10.22
CA ASP B 38 0.89 21.93 9.30
C ASP B 38 0.80 23.00 8.20
N GLU B 39 1.54 24.10 8.26
CA GLU B 39 1.58 25.11 7.15
C GLU B 39 2.50 24.57 6.05
N SER B 40 1.95 24.39 4.86
CA SER B 40 2.69 23.87 3.68
C SER B 40 3.70 24.91 3.20
N LYS B 41 4.96 24.52 3.07
CA LYS B 41 6.04 25.40 2.60
C LYS B 41 6.94 24.60 1.67
N ASN B 42 7.68 25.30 0.80
CA ASN B 42 8.69 24.64 -0.05
C ASN B 42 9.85 24.25 0.87
N TRP B 43 10.77 23.44 0.36
CA TRP B 43 11.90 22.90 1.13
C TRP B 43 12.70 24.05 1.73
N TYR B 44 13.03 25.08 0.93
CA TYR B 44 13.90 26.22 1.35
C TYR B 44 13.21 26.96 2.50
N GLU B 45 11.92 27.26 2.39
CA GLU B 45 11.16 27.96 3.46
C GLU B 45 10.96 27.05 4.68
N SER B 46 10.84 25.72 4.50
CA SER B 46 10.71 24.78 5.64
C SER B 46 12.03 24.81 6.43
N GLN B 47 13.16 24.75 5.73
CA GLN B 47 14.53 24.82 6.32
C GLN B 47 14.68 26.15 7.07
N ALA B 48 14.28 27.28 6.46
CA ALA B 48 14.38 28.63 7.06
C ALA B 48 13.54 28.63 8.33
N SER B 49 12.33 28.07 8.28
CA SER B 49 11.42 28.04 9.45
C SER B 49 12.08 27.26 10.60
N CYS B 50 12.64 26.07 10.34
CA CYS B 50 13.30 25.28 11.41
C CYS B 50 14.48 26.08 11.95
N MET B 51 15.32 26.66 11.09
CA MET B 51 16.57 27.35 11.55
C MET B 51 16.20 28.61 12.34
N SER B 52 15.07 29.26 12.06
CA SER B 52 14.56 30.38 12.88
C SER B 52 14.33 29.95 14.33
N GLN B 53 14.13 28.65 14.58
CA GLN B 53 13.84 28.13 15.95
C GLN B 53 15.04 27.35 16.46
N ASN B 54 16.22 27.57 15.88
CA ASN B 54 17.48 26.89 16.28
C ASN B 54 17.35 25.36 16.10
N ALA B 55 16.71 24.94 15.04
CA ALA B 55 16.47 23.53 14.72
C ALA B 55 16.80 23.32 13.24
N SER B 56 16.91 22.06 12.85
CA SER B 56 17.12 21.66 11.44
C SER B 56 15.87 20.91 11.01
N LEU B 57 15.72 20.63 9.72
CA LEU B 57 14.68 19.68 9.29
C LEU B 57 15.04 18.30 9.88
N LEU B 58 14.05 17.41 10.02
CA LEU B 58 14.22 16.00 10.43
C LEU B 58 15.49 15.42 9.80
N LYS B 59 16.38 14.85 10.60
CA LYS B 59 17.48 13.98 10.17
C LYS B 59 17.19 12.57 10.70
N VAL B 60 17.16 11.58 9.82
CA VAL B 60 16.97 10.15 10.20
C VAL B 60 18.36 9.52 10.32
N TYR B 61 18.77 9.12 11.53
CA TYR B 61 20.08 8.47 11.82
C TYR B 61 19.90 7.12 12.54
N SER B 62 18.72 6.76 13.07
CA SER B 62 18.58 5.45 13.80
C SER B 62 17.13 4.99 13.87
N LYS B 63 16.85 3.79 13.36
CA LYS B 63 15.50 3.16 13.45
C LYS B 63 15.09 2.92 14.91
N GLU B 64 16.04 2.61 15.79
CA GLU B 64 15.77 2.35 17.23
C GLU B 64 15.49 3.67 17.96
N ASP B 65 16.39 4.63 17.84
CA ASP B 65 16.28 5.94 18.56
C ASP B 65 15.09 6.74 17.99
N GLN B 66 14.70 6.52 16.74
CA GLN B 66 13.62 7.33 16.11
C GLN B 66 12.46 6.44 15.68
N ASP B 67 12.15 5.39 16.46
CA ASP B 67 11.13 4.38 16.07
C ASP B 67 9.74 5.04 15.98
N LEU B 68 9.52 6.16 16.70
CA LEU B 68 8.23 6.92 16.65
C LEU B 68 7.91 7.37 15.21
N LEU B 69 8.90 7.47 14.34
CA LEU B 69 8.68 7.90 12.95
C LEU B 69 7.84 6.86 12.21
N LYS B 70 7.71 5.64 12.75
CA LYS B 70 6.86 4.58 12.14
C LYS B 70 5.39 4.98 12.19
N LEU B 71 4.97 5.83 13.11
CA LEU B 71 3.53 6.11 13.40
C LEU B 71 3.02 7.34 12.63
N VAL B 72 3.87 8.00 11.86
CA VAL B 72 3.57 9.31 11.26
C VAL B 72 2.71 9.08 10.01
N LYS B 73 1.54 9.72 9.98
CA LYS B 73 0.66 9.89 8.80
C LYS B 73 1.26 10.92 7.84
N SER B 74 0.94 10.79 6.56
CA SER B 74 1.15 11.84 5.53
C SER B 74 2.65 11.99 5.23
N TYR B 75 2.98 13.01 4.43
CA TYR B 75 4.29 13.21 3.76
C TYR B 75 4.86 14.55 4.25
N HIS B 76 6.15 14.66 4.59
CA HIS B 76 6.70 15.85 5.29
C HIS B 76 8.13 16.09 4.86
N TRP B 77 8.49 17.35 4.59
CA TRP B 77 9.90 17.66 4.27
C TRP B 77 10.80 17.17 5.41
N MET B 78 11.91 16.55 5.06
CA MET B 78 13.05 16.30 5.97
C MET B 78 14.33 16.91 5.38
N GLY B 79 15.45 16.84 6.09
CA GLY B 79 16.68 17.62 5.80
C GLY B 79 17.58 16.93 4.79
N LEU B 80 17.02 16.13 3.90
CA LEU B 80 17.80 15.31 2.96
C LEU B 80 17.86 16.02 1.60
N VAL B 81 19.07 16.14 1.06
CA VAL B 81 19.35 16.90 -0.18
C VAL B 81 20.30 16.10 -1.10
N HIS B 82 20.11 16.24 -2.42
CA HIS B 82 20.86 15.54 -3.50
C HIS B 82 22.05 16.40 -3.91
N ILE B 83 23.24 15.82 -3.93
CA ILE B 83 24.42 16.40 -4.64
C ILE B 83 24.48 15.78 -6.03
N PRO B 84 24.20 16.55 -7.11
CA PRO B 84 24.05 15.97 -8.45
C PRO B 84 25.41 15.47 -9.00
N THR B 85 26.50 16.10 -8.55
CA THR B 85 27.91 15.84 -8.96
C THR B 85 28.27 14.37 -8.72
N ASN B 86 27.84 13.79 -7.59
CA ASN B 86 28.16 12.38 -7.18
C ASN B 86 26.96 11.47 -7.46
N GLY B 87 25.73 11.98 -7.34
CA GLY B 87 24.49 11.18 -7.30
C GLY B 87 24.24 10.56 -5.93
N SER B 88 24.60 11.27 -4.85
CA SER B 88 24.48 10.78 -3.45
C SER B 88 23.61 11.75 -2.62
N TRP B 89 22.98 11.22 -1.56
CA TRP B 89 22.09 11.99 -0.64
C TRP B 89 22.85 12.31 0.63
N GLN B 90 22.75 13.55 1.11
CA GLN B 90 23.25 13.90 2.45
C GLN B 90 22.24 14.81 3.16
N TRP B 91 22.43 14.97 4.45
CA TRP B 91 21.66 15.82 5.37
C TRP B 91 22.17 17.27 5.32
N GLU B 92 21.39 18.18 5.88
CA GLU B 92 21.75 19.62 6.00
C GLU B 92 23.14 19.76 6.62
N ASP B 93 23.45 18.91 7.60
CA ASP B 93 24.63 19.06 8.48
C ASP B 93 25.88 18.52 7.76
N GLY B 94 25.75 18.12 6.49
CA GLY B 94 26.87 17.63 5.67
C GLY B 94 27.15 16.15 5.87
N SER B 95 26.60 15.50 6.92
CA SER B 95 26.75 14.04 7.12
C SER B 95 26.06 13.27 5.99
N ILE B 96 26.52 12.06 5.73
CA ILE B 96 26.01 11.13 4.67
C ILE B 96 24.69 10.51 5.14
N LEU B 97 23.85 10.09 4.20
CA LEU B 97 22.75 9.13 4.49
C LEU B 97 23.41 7.77 4.73
N SER B 98 23.32 7.25 5.95
CA SER B 98 23.84 5.92 6.31
C SER B 98 22.98 4.86 5.62
N PRO B 99 23.57 3.75 5.13
CA PRO B 99 22.79 2.69 4.49
C PRO B 99 21.82 2.05 5.49
N ASN B 100 20.77 1.40 5.00
CA ASN B 100 19.83 0.58 5.82
C ASN B 100 19.00 1.45 6.77
N LEU B 101 18.83 2.75 6.49
CA LEU B 101 17.93 3.62 7.27
C LEU B 101 16.67 3.96 6.47
N LEU B 102 16.80 4.49 5.26
CA LEU B 102 15.65 4.92 4.44
C LEU B 102 15.62 4.13 3.12
N THR B 103 14.42 3.84 2.61
CA THR B 103 14.20 3.48 1.19
C THR B 103 13.86 4.76 0.43
N ILE B 104 14.67 5.15 -0.52
CA ILE B 104 14.42 6.38 -1.33
C ILE B 104 13.70 5.94 -2.59
N ILE B 105 12.56 6.60 -2.84
CA ILE B 105 11.65 6.26 -3.96
C ILE B 105 11.55 7.46 -4.86
N GLU B 106 11.77 7.21 -6.14
CA GLU B 106 11.68 8.17 -7.25
C GLU B 106 10.19 8.45 -7.46
N MET B 107 9.74 9.66 -7.15
CA MET B 107 8.31 10.05 -7.26
C MET B 107 8.23 11.15 -8.32
N GLN B 108 8.77 12.33 -8.03
CA GLN B 108 8.94 13.46 -8.99
C GLN B 108 10.44 13.69 -9.15
N LYS B 109 10.91 14.05 -10.34
CA LYS B 109 12.31 14.49 -10.51
C LYS B 109 12.49 15.75 -9.66
N GLY B 110 13.55 15.80 -8.85
CA GLY B 110 13.76 16.85 -7.84
C GLY B 110 14.96 16.52 -7.00
N ASP B 111 15.40 17.44 -6.15
CA ASP B 111 16.65 17.30 -5.35
C ASP B 111 16.33 17.32 -3.85
N CYS B 112 15.08 17.11 -3.45
CA CYS B 112 14.67 17.10 -2.02
C CYS B 112 13.82 15.84 -1.75
N ALA B 113 13.62 15.45 -0.49
CA ALA B 113 12.88 14.23 -0.16
C ALA B 113 11.83 14.49 0.94
N LEU B 114 10.66 13.88 0.79
CA LEU B 114 9.59 13.86 1.82
C LEU B 114 9.75 12.63 2.68
N TYR B 115 9.65 12.81 3.99
CA TYR B 115 9.58 11.66 4.90
C TYR B 115 8.17 11.07 4.84
N ALA B 116 8.04 9.76 4.76
CA ALA B 116 6.80 9.01 5.05
C ALA B 116 7.12 7.70 5.77
N SER B 117 6.19 7.29 6.60
CA SER B 117 6.20 6.02 7.37
C SER B 117 6.17 4.83 6.41
N SER B 118 6.92 3.74 6.65
CA SER B 118 7.96 3.56 7.64
C SER B 118 9.32 3.79 6.97
N PHE B 119 10.04 4.83 7.40
CA PHE B 119 11.42 5.10 6.96
C PHE B 119 11.47 5.10 5.44
N LYS B 120 10.59 5.87 4.82
CA LYS B 120 10.62 6.10 3.36
C LYS B 120 11.02 7.55 3.10
N GLY B 121 11.71 7.76 1.99
CA GLY B 121 11.97 9.10 1.44
C GLY B 121 11.45 9.15 0.02
N TYR B 122 10.51 10.07 -0.26
CA TYR B 122 9.95 10.24 -1.63
C TYR B 122 10.58 11.48 -2.25
N ILE B 123 11.29 11.28 -3.35
CA ILE B 123 11.99 12.38 -4.09
C ILE B 123 10.92 13.28 -4.64
N GLU B 124 11.00 14.57 -4.30
CA GLU B 124 9.95 15.58 -4.56
C GLU B 124 10.65 16.83 -5.12
N ASN B 125 9.90 17.64 -5.84
CA ASN B 125 10.37 18.95 -6.33
C ASN B 125 10.54 19.87 -5.10
N CYS B 126 11.75 20.39 -4.89
CA CYS B 126 12.10 21.31 -3.77
C CYS B 126 11.11 22.47 -3.68
N SER B 127 10.46 22.86 -4.79
CA SER B 127 9.57 24.06 -4.83
C SER B 127 8.12 23.71 -4.43
N THR B 128 7.78 22.43 -4.38
CA THR B 128 6.40 21.99 -4.03
C THR B 128 6.13 22.23 -2.54
N PRO B 129 5.05 22.96 -2.22
CA PRO B 129 4.63 23.14 -0.83
C PRO B 129 4.20 21.82 -0.15
N ASN B 130 4.72 21.64 1.06
CA ASN B 130 4.50 20.45 1.90
C ASN B 130 4.60 20.83 3.38
N THR B 131 3.93 20.08 4.25
CA THR B 131 4.16 20.08 5.71
C THR B 131 5.60 19.59 5.96
N TYR B 132 6.10 19.80 7.17
CA TYR B 132 7.53 19.63 7.47
C TYR B 132 7.70 19.31 8.95
N ILE B 133 8.81 18.65 9.25
CA ILE B 133 9.18 18.23 10.62
C ILE B 133 10.51 18.89 10.95
N CYS B 134 10.55 19.60 12.09
CA CYS B 134 11.81 20.15 12.66
C CYS B 134 12.28 19.23 13.78
N MET B 135 13.60 19.18 13.92
CA MET B 135 14.33 18.35 14.91
C MET B 135 15.43 19.19 15.56
N GLN B 136 15.59 19.10 16.88
CA GLN B 136 16.74 19.66 17.64
C GLN B 136 17.26 18.55 18.58
N ARG B 137 18.56 18.23 18.56
CA ARG B 137 19.23 17.39 19.61
C ARG B 137 19.11 18.12 20.94
N THR B 138 18.76 17.41 22.04
CA THR B 138 18.66 18.01 23.41
C THR B 138 20.01 18.64 23.82
N VAL B 139 21.13 17.92 23.64
CA VAL B 139 22.51 18.41 24.01
C VAL B 139 23.42 18.28 22.78
N MET C 1 5.64 -6.92 -27.77
CA MET C 1 5.72 -7.82 -26.58
C MET C 1 4.72 -7.31 -25.53
N GLU C 2 4.16 -8.20 -24.72
CA GLU C 2 3.19 -7.81 -23.68
C GLU C 2 4.00 -7.13 -22.56
N PRO C 3 3.45 -6.11 -21.89
CA PRO C 3 4.20 -5.43 -20.83
C PRO C 3 4.38 -6.35 -19.61
N HIS C 4 5.26 -5.93 -18.69
CA HIS C 4 5.35 -6.53 -17.33
C HIS C 4 4.41 -5.76 -16.40
N SER C 5 3.85 -6.43 -15.39
CA SER C 5 2.80 -5.83 -14.53
C SER C 5 3.03 -6.24 -13.08
N LEU C 6 2.72 -5.33 -12.16
CA LEU C 6 2.61 -5.66 -10.70
C LEU C 6 1.22 -5.25 -10.20
N ARG C 7 0.53 -6.12 -9.49
CA ARG C 7 -0.87 -5.87 -9.08
C ARG C 7 -0.89 -6.00 -7.56
N TYR C 8 -1.39 -4.98 -6.85
CA TYR C 8 -1.70 -5.10 -5.40
C TYR C 8 -3.21 -5.12 -5.22
N ASP C 9 -3.72 -6.01 -4.39
CA ASP C 9 -5.16 -6.10 -4.06
C ASP C 9 -5.34 -6.10 -2.55
N PHE C 10 -6.34 -5.36 -2.05
CA PHE C 10 -6.75 -5.33 -0.64
C PHE C 10 -8.24 -5.51 -0.63
N THR C 11 -8.72 -6.45 0.17
CA THR C 11 -10.15 -6.83 0.22
C THR C 11 -10.61 -6.95 1.66
N VAL C 12 -11.79 -6.38 1.96
CA VAL C 12 -12.45 -6.44 3.29
C VAL C 12 -13.92 -6.76 3.06
N LEU C 13 -14.61 -7.17 4.12
CA LEU C 13 -16.02 -7.62 4.04
C LEU C 13 -16.77 -7.05 5.22
N SER C 14 -18.06 -6.83 5.01
CA SER C 14 -19.01 -6.62 6.10
C SER C 14 -20.12 -7.66 5.97
N TRP C 15 -20.69 -8.06 7.11
CA TRP C 15 -21.92 -8.88 7.28
C TRP C 15 -22.88 -8.07 8.14
N ASP C 16 -24.05 -7.71 7.61
CA ASP C 16 -25.10 -6.90 8.29
C ASP C 16 -24.48 -5.58 8.80
N GLY C 17 -23.64 -4.93 8.00
CA GLY C 17 -23.03 -3.62 8.31
C GLY C 17 -21.86 -3.74 9.28
N SER C 18 -21.54 -4.94 9.76
CA SER C 18 -20.42 -5.15 10.70
C SER C 18 -19.18 -5.52 9.90
N VAL C 19 -18.15 -4.66 9.90
CA VAL C 19 -16.92 -4.92 9.12
C VAL C 19 -16.14 -6.02 9.83
N GLN C 20 -15.82 -7.13 9.15
CA GLN C 20 -15.16 -8.30 9.77
C GLN C 20 -13.67 -8.00 9.96
N SER C 21 -13.02 -8.73 10.87
CA SER C 21 -11.60 -8.60 11.29
C SER C 21 -10.64 -8.87 10.13
N GLY C 22 -11.00 -9.76 9.21
CA GLY C 22 -10.10 -10.13 8.09
C GLY C 22 -9.72 -8.91 7.25
N PHE C 23 -8.56 -8.98 6.63
CA PHE C 23 -8.15 -8.12 5.50
C PHE C 23 -7.13 -8.91 4.72
N LEU C 24 -7.51 -9.18 3.48
CA LEU C 24 -6.70 -9.94 2.52
C LEU C 24 -5.90 -8.97 1.64
N THR C 25 -4.59 -9.16 1.63
CA THR C 25 -3.58 -8.49 0.79
C THR C 25 -2.97 -9.51 -0.17
N GLU C 26 -2.90 -9.16 -1.46
CA GLU C 26 -2.26 -9.99 -2.50
C GLU C 26 -1.31 -9.15 -3.33
N VAL C 27 -0.29 -9.80 -3.88
CA VAL C 27 0.67 -9.21 -4.85
C VAL C 27 0.79 -10.21 -5.99
N HIS C 28 0.44 -9.80 -7.22
CA HIS C 28 0.56 -10.63 -8.42
C HIS C 28 1.61 -9.98 -9.34
N LEU C 29 2.51 -10.80 -9.85
CA LEU C 29 3.59 -10.42 -10.78
C LEU C 29 3.28 -11.04 -12.15
N ASP C 30 2.97 -10.22 -13.16
CA ASP C 30 2.47 -10.67 -14.50
C ASP C 30 1.33 -11.67 -14.32
N GLY C 31 0.35 -11.32 -13.49
CA GLY C 31 -0.87 -12.13 -13.28
C GLY C 31 -0.63 -13.31 -12.36
N GLN C 32 0.63 -13.55 -11.95
CA GLN C 32 1.02 -14.79 -11.22
C GLN C 32 1.04 -14.50 -9.72
N PRO C 33 0.43 -15.38 -8.91
CA PRO C 33 0.35 -15.19 -7.46
C PRO C 33 1.76 -15.24 -6.86
N PHE C 34 2.01 -14.38 -5.89
CA PHE C 34 3.36 -14.12 -5.39
C PHE C 34 3.30 -14.04 -3.87
N ILE C 35 2.51 -13.11 -3.35
CA ILE C 35 2.39 -12.89 -1.89
C ILE C 35 0.90 -12.86 -1.58
N ARG C 36 0.53 -13.57 -0.53
CA ARG C 36 -0.84 -13.61 0.01
C ARG C 36 -0.71 -13.39 1.50
N CYS C 37 -1.44 -12.41 2.04
CA CYS C 37 -1.51 -12.11 3.48
C CYS C 37 -2.95 -12.14 3.98
N ASP C 38 -3.15 -12.85 5.08
CA ASP C 38 -4.41 -12.93 5.85
C ASP C 38 -4.16 -12.12 7.11
N ARG C 39 -4.67 -10.89 7.15
CA ARG C 39 -4.22 -9.83 8.10
C ARG C 39 -2.72 -9.64 7.92
N GLN C 40 -1.93 -9.85 8.98
CA GLN C 40 -0.47 -9.61 8.99
C GLN C 40 0.30 -10.92 8.77
N LYS C 41 -0.38 -12.07 8.75
CA LYS C 41 0.24 -13.38 8.41
C LYS C 41 0.45 -13.43 6.89
N CYS C 42 1.63 -13.01 6.44
CA CYS C 42 2.06 -12.95 5.02
C CYS C 42 2.85 -14.20 4.63
N ARG C 43 2.52 -14.78 3.47
CA ARG C 43 3.12 -16.00 2.86
C ARG C 43 3.53 -15.76 1.40
N ALA C 44 4.72 -16.23 1.01
CA ALA C 44 5.26 -16.24 -0.37
C ALA C 44 5.26 -17.68 -0.91
N TRP C 60 10.10 -8.86 3.87
CA TRP C 60 9.51 -9.74 4.91
C TRP C 60 9.02 -8.92 6.13
N ASP C 61 9.68 -7.80 6.46
CA ASP C 61 9.18 -6.73 7.35
C ASP C 61 8.34 -5.76 6.52
N ARG C 62 8.72 -5.56 5.24
CA ARG C 62 7.98 -4.72 4.26
C ARG C 62 6.68 -5.43 3.85
N GLU C 63 6.68 -6.77 3.83
CA GLU C 63 5.46 -7.62 3.61
C GLU C 63 4.40 -7.17 4.62
N THR C 64 4.74 -7.13 5.92
CA THR C 64 3.87 -6.62 7.02
C THR C 64 3.72 -5.10 6.89
N ARG C 65 4.77 -4.37 7.28
CA ARG C 65 4.78 -2.89 7.49
C ARG C 65 4.24 -2.22 6.23
N ASP C 66 3.33 -1.28 6.41
CA ASP C 66 2.77 -0.42 5.34
C ASP C 66 1.85 -1.29 4.47
N LEU C 67 2.33 -2.45 3.97
CA LEU C 67 1.60 -3.14 2.87
C LEU C 67 0.27 -3.67 3.39
N THR C 68 0.26 -4.61 4.34
CA THR C 68 -0.99 -5.13 4.99
C THR C 68 -1.75 -3.98 5.67
N GLY C 69 -1.06 -2.92 6.14
CA GLY C 69 -1.66 -1.69 6.71
C GLY C 69 -2.71 -1.11 5.78
N ASN C 70 -2.58 -1.30 4.46
CA ASN C 70 -3.55 -0.78 3.46
C ASN C 70 -4.92 -1.41 3.73
N GLY C 71 -4.96 -2.68 4.18
CA GLY C 71 -6.20 -3.39 4.50
C GLY C 71 -6.90 -2.78 5.71
N LYS C 72 -6.14 -2.41 6.74
CA LYS C 72 -6.70 -1.72 7.94
C LYS C 72 -7.34 -0.40 7.49
N ASP C 73 -6.64 0.42 6.72
CA ASP C 73 -7.27 1.66 6.18
C ASP C 73 -8.54 1.27 5.44
N LEU C 74 -8.54 0.11 4.78
CA LEU C 74 -9.72 -0.27 3.95
C LEU C 74 -10.89 -0.64 4.88
N ARG C 75 -10.63 -1.27 6.05
CA ARG C 75 -11.70 -1.63 7.00
C ARG C 75 -12.38 -0.34 7.45
N MET C 76 -11.58 0.71 7.67
CA MET C 76 -12.12 2.03 8.10
C MET C 76 -12.93 2.64 6.94
N THR C 77 -12.48 2.53 5.69
CA THR C 77 -13.28 3.05 4.54
C THR C 77 -14.62 2.32 4.49
N LEU C 78 -14.69 0.98 4.62
CA LEU C 78 -15.97 0.26 4.47
C LEU C 78 -16.96 0.65 5.58
N ALA C 79 -16.47 0.99 6.77
CA ALA C 79 -17.32 1.45 7.92
C ALA C 79 -18.05 2.74 7.55
N HIS C 80 -17.54 3.54 6.60
CA HIS C 80 -18.15 4.84 6.19
C HIS C 80 -19.08 4.69 4.98
N ILE C 81 -19.29 3.48 4.46
CA ILE C 81 -20.15 3.30 3.26
C ILE C 81 -21.55 2.95 3.80
N LYS C 82 -22.53 3.83 3.56
CA LYS C 82 -23.92 3.67 4.08
C LYS C 82 -24.62 2.62 3.20
N ASP C 83 -25.08 1.50 3.75
CA ASP C 83 -25.82 0.53 2.91
C ASP C 83 -26.78 -0.21 3.81
N GLN C 84 -28.08 -0.05 3.54
CA GLN C 84 -29.19 -0.63 4.36
C GLN C 84 -29.48 -2.08 3.92
N LYS C 85 -29.17 -2.46 2.67
CA LYS C 85 -29.19 -3.88 2.21
C LYS C 85 -28.35 -4.71 3.19
N GLU C 86 -29.00 -5.67 3.87
CA GLU C 86 -28.41 -6.63 4.83
C GLU C 86 -27.46 -7.60 4.12
N GLY C 87 -26.87 -8.53 4.85
CA GLY C 87 -26.00 -9.59 4.33
C GLY C 87 -24.59 -9.07 4.04
N LEU C 88 -23.99 -9.60 2.99
CA LEU C 88 -22.55 -9.47 2.66
C LEU C 88 -22.30 -8.20 1.84
N HIS C 89 -21.31 -7.42 2.22
CA HIS C 89 -20.73 -6.45 1.26
C HIS C 89 -19.22 -6.63 1.25
N SER C 90 -18.63 -6.24 0.15
CA SER C 90 -17.18 -6.36 -0.06
C SER C 90 -16.68 -5.04 -0.64
N LEU C 91 -15.49 -4.62 -0.24
CA LEU C 91 -14.77 -3.47 -0.79
C LEU C 91 -13.38 -3.97 -1.21
N GLN C 92 -12.99 -3.70 -2.45
CA GLN C 92 -11.68 -4.13 -2.98
C GLN C 92 -10.96 -2.93 -3.57
N GLU C 93 -9.70 -2.79 -3.22
CA GLU C 93 -8.80 -1.76 -3.74
C GLU C 93 -7.82 -2.47 -4.66
N ILE C 94 -7.65 -1.96 -5.87
CA ILE C 94 -6.74 -2.60 -6.85
C ILE C 94 -5.79 -1.57 -7.41
N ARG C 95 -4.50 -1.86 -7.31
CA ARG C 95 -3.41 -1.02 -7.88
C ARG C 95 -2.63 -1.87 -8.88
N VAL C 96 -2.44 -1.37 -10.10
CA VAL C 96 -1.60 -2.06 -11.11
C VAL C 96 -0.71 -1.04 -11.81
N CYS C 97 0.58 -1.35 -11.88
CA CYS C 97 1.53 -0.65 -12.74
C CYS C 97 2.08 -1.63 -13.78
N GLU C 98 2.44 -1.08 -14.91
CA GLU C 98 2.88 -1.80 -16.13
C GLU C 98 4.15 -1.10 -16.58
N ILE C 99 5.16 -1.87 -16.99
CA ILE C 99 6.33 -1.37 -17.74
C ILE C 99 6.31 -2.02 -19.13
N HIS C 100 6.29 -1.21 -20.18
CA HIS C 100 6.17 -1.64 -21.60
C HIS C 100 7.58 -1.77 -22.23
N GLU C 101 7.66 -2.50 -23.34
CA GLU C 101 8.85 -2.73 -24.21
C GLU C 101 9.64 -1.43 -24.40
N ASP C 102 8.96 -0.30 -24.59
CA ASP C 102 9.52 1.04 -24.88
C ASP C 102 9.85 1.80 -23.57
N ASN C 103 9.69 1.17 -22.42
CA ASN C 103 9.99 1.79 -21.10
C ASN C 103 8.92 2.80 -20.66
N SER C 104 7.87 3.06 -21.45
CA SER C 104 6.69 3.82 -20.98
C SER C 104 5.98 2.99 -19.90
N THR C 105 5.22 3.67 -19.01
CA THR C 105 4.54 3.04 -17.85
C THR C 105 3.04 3.29 -17.92
N ARG C 106 2.24 2.38 -17.37
CA ARG C 106 0.80 2.59 -17.10
C ARG C 106 0.61 2.49 -15.60
N SER C 107 -0.45 3.07 -15.06
CA SER C 107 -0.86 2.81 -13.66
C SER C 107 -2.35 3.02 -13.55
N SER C 108 -2.98 2.21 -12.72
CA SER C 108 -4.41 2.38 -12.43
C SER C 108 -4.61 2.15 -10.93
N HIS C 109 -5.65 2.75 -10.39
CA HIS C 109 -5.98 2.66 -8.95
C HIS C 109 -7.49 2.71 -8.84
N HIS C 110 -8.07 1.58 -8.51
CA HIS C 110 -9.52 1.31 -8.63
C HIS C 110 -10.07 0.81 -7.31
N PHE C 111 -11.33 1.17 -7.02
CA PHE C 111 -12.09 0.64 -5.87
C PHE C 111 -13.39 0.03 -6.39
N TYR C 112 -13.70 -1.15 -5.86
CA TYR C 112 -14.81 -2.01 -6.27
C TYR C 112 -15.69 -2.30 -5.06
N TYR C 113 -17.00 -2.11 -5.19
CA TYR C 113 -17.97 -2.41 -4.12
C TYR C 113 -18.89 -3.52 -4.61
N ASP C 114 -18.96 -4.61 -3.87
CA ASP C 114 -19.78 -5.78 -4.30
C ASP C 114 -19.46 -6.11 -5.77
N GLY C 115 -18.17 -6.05 -6.13
CA GLY C 115 -17.66 -6.49 -7.45
C GLY C 115 -17.83 -5.45 -8.55
N GLU C 116 -18.35 -4.25 -8.27
CA GLU C 116 -18.54 -3.21 -9.32
C GLU C 116 -17.63 -2.03 -9.02
N LEU C 117 -17.00 -1.48 -10.07
CA LEU C 117 -16.19 -0.23 -10.00
C LEU C 117 -17.06 0.91 -9.50
N PHE C 118 -16.57 1.71 -8.55
CA PHE C 118 -17.31 2.92 -8.12
C PHE C 118 -16.39 4.14 -8.05
N LEU C 119 -15.07 3.94 -8.09
CA LEU C 119 -14.10 5.05 -7.92
C LEU C 119 -12.74 4.68 -8.50
N SER C 120 -12.07 5.63 -9.16
CA SER C 120 -10.75 5.40 -9.80
C SER C 120 -9.94 6.67 -9.63
N TRP C 121 -8.63 6.58 -9.71
CA TRP C 121 -7.80 7.79 -9.63
C TRP C 121 -7.05 7.92 -10.95
N ASN C 122 -7.12 9.11 -11.55
CA ASN C 122 -6.59 9.41 -12.90
C ASN C 122 -5.30 10.19 -12.67
N LEU C 123 -4.15 9.62 -13.09
CA LEU C 123 -2.78 10.17 -12.87
C LEU C 123 -2.58 11.51 -13.60
N GLU C 124 -3.25 11.68 -14.75
CA GLU C 124 -3.08 12.83 -15.68
C GLU C 124 -3.78 14.09 -15.14
N THR C 125 -5.01 13.96 -14.66
CA THR C 125 -5.77 15.07 -14.06
C THR C 125 -5.46 15.22 -12.56
N LYS C 126 -4.82 14.23 -11.93
CA LYS C 126 -4.64 14.12 -10.45
C LYS C 126 -6.00 14.29 -9.76
N GLU C 127 -7.01 13.53 -10.19
CA GLU C 127 -8.42 13.71 -9.75
C GLU C 127 -9.08 12.35 -9.71
N PHE C 128 -10.09 12.18 -8.87
CA PHE C 128 -11.00 11.02 -8.92
C PHE C 128 -11.90 11.14 -10.14
N THR C 129 -12.26 9.99 -10.70
CA THR C 129 -13.28 9.82 -11.75
C THR C 129 -14.32 8.85 -11.18
N MET C 130 -15.60 9.16 -11.34
CA MET C 130 -16.68 8.26 -10.88
C MET C 130 -17.46 7.76 -12.08
N PRO C 131 -18.23 6.65 -11.97
CA PRO C 131 -19.10 6.19 -13.07
C PRO C 131 -20.43 6.95 -13.10
N GLN C 132 -21.20 6.84 -14.19
CA GLN C 132 -22.37 7.75 -14.43
C GLN C 132 -23.50 7.38 -13.45
N SER C 133 -23.65 6.10 -13.08
CA SER C 133 -24.68 5.57 -12.13
C SER C 133 -24.80 6.43 -10.85
N SER C 134 -26.01 6.70 -10.35
CA SER C 134 -26.24 7.60 -9.19
C SER C 134 -25.90 6.86 -7.88
N ARG C 135 -26.10 5.54 -7.85
CA ARG C 135 -25.71 4.67 -6.70
C ARG C 135 -24.18 4.59 -6.62
N ALA C 136 -23.48 4.56 -7.75
CA ALA C 136 -22.00 4.58 -7.79
C ALA C 136 -21.49 5.91 -7.23
N GLN C 137 -22.11 7.02 -7.62
CA GLN C 137 -21.66 8.37 -7.22
C GLN C 137 -21.90 8.56 -5.72
N THR C 138 -22.96 7.96 -5.18
CA THR C 138 -23.29 8.02 -3.73
C THR C 138 -22.25 7.24 -2.93
N LEU C 139 -21.89 6.02 -3.36
CA LEU C 139 -20.79 5.25 -2.73
C LEU C 139 -19.51 6.08 -2.80
N ALA C 140 -19.18 6.64 -3.96
CA ALA C 140 -17.92 7.37 -4.18
C ALA C 140 -17.88 8.63 -3.29
N MET C 141 -19.01 9.32 -3.11
CA MET C 141 -19.04 10.54 -2.25
C MET C 141 -18.98 10.15 -0.76
N ASN C 142 -19.59 9.04 -0.36
CA ASN C 142 -19.36 8.51 1.01
C ASN C 142 -17.86 8.40 1.24
N VAL C 143 -17.16 7.75 0.30
CA VAL C 143 -15.71 7.44 0.49
C VAL C 143 -14.90 8.75 0.41
N ARG C 144 -15.09 9.53 -0.65
CA ARG C 144 -14.35 10.80 -0.89
C ARG C 144 -14.52 11.74 0.30
N ASN C 145 -15.73 11.88 0.84
CA ASN C 145 -15.96 12.77 2.03
C ASN C 145 -15.23 12.20 3.26
N PHE C 146 -15.24 10.88 3.47
CA PHE C 146 -14.51 10.29 4.60
C PHE C 146 -13.04 10.69 4.44
N TRP C 147 -12.43 10.39 3.30
CA TRP C 147 -10.97 10.61 3.08
C TRP C 147 -10.64 12.11 3.21
N LYS C 148 -11.53 13.00 2.78
CA LYS C 148 -11.34 14.47 2.92
C LYS C 148 -11.26 14.84 4.41
N GLU C 149 -12.26 14.46 5.23
CA GLU C 149 -12.43 14.84 6.66
C GLU C 149 -11.16 14.48 7.42
N ASP C 150 -10.66 13.26 7.23
CA ASP C 150 -9.62 12.65 8.08
C ASP C 150 -8.29 12.70 7.33
N ALA C 151 -8.16 13.55 6.32
CA ALA C 151 -6.93 13.72 5.50
C ALA C 151 -6.30 12.37 5.09
N MET C 152 -7.10 11.43 4.57
CA MET C 152 -6.70 9.99 4.48
C MET C 152 -5.95 9.68 3.17
N LYS C 153 -6.40 10.20 2.02
CA LYS C 153 -5.87 9.75 0.70
C LYS C 153 -5.80 10.95 -0.27
N THR C 154 -4.82 11.82 -0.03
CA THR C 154 -4.49 13.07 -0.79
C THR C 154 -3.85 12.71 -2.14
N LYS C 155 -3.70 13.72 -2.99
CA LYS C 155 -2.93 13.67 -4.26
C LYS C 155 -1.59 12.97 -4.02
N THR C 156 -0.84 13.40 -3.01
CA THR C 156 0.55 12.91 -2.81
C THR C 156 0.52 11.41 -2.53
N HIS C 157 -0.43 10.96 -1.72
CA HIS C 157 -0.61 9.52 -1.38
C HIS C 157 -0.71 8.72 -2.70
N PHE C 158 -1.56 9.15 -3.64
CA PHE C 158 -1.82 8.43 -4.90
C PHE C 158 -0.55 8.40 -5.75
N HIS C 159 0.22 9.50 -5.76
CA HIS C 159 1.48 9.58 -6.56
CA HIS C 159 1.50 9.62 -6.51
C HIS C 159 2.53 8.71 -5.86
N ALA C 160 2.55 8.70 -4.52
CA ALA C 160 3.53 7.89 -3.77
C ALA C 160 3.23 6.41 -4.05
N MET C 161 1.97 6.02 -4.00
CA MET C 161 1.59 4.58 -4.15
CA MET C 161 1.65 4.57 -4.14
C MET C 161 1.99 4.14 -5.57
N ARG C 162 1.83 5.03 -6.54
CA ARG C 162 2.23 4.71 -7.93
C ARG C 162 3.74 4.54 -7.99
N ALA C 163 4.49 5.44 -7.36
CA ALA C 163 5.96 5.41 -7.33
C ALA C 163 6.45 4.14 -6.60
N ASP C 164 5.82 3.73 -5.48
CA ASP C 164 6.12 2.43 -4.82
C ASP C 164 5.96 1.27 -5.82
N CYS C 165 4.84 1.22 -6.54
CA CYS C 165 4.48 0.10 -7.43
C CYS C 165 5.56 -0.04 -8.51
N LEU C 166 5.88 1.05 -9.20
CA LEU C 166 6.84 1.00 -10.30
C LEU C 166 8.22 0.63 -9.74
N GLN C 167 8.61 1.17 -8.59
CA GLN C 167 9.95 0.85 -8.02
C GLN C 167 10.00 -0.64 -7.68
N GLU C 168 8.94 -1.21 -7.12
CA GLU C 168 8.91 -2.66 -6.82
C GLU C 168 8.91 -3.49 -8.13
N LEU C 169 8.18 -3.06 -9.16
CA LEU C 169 8.16 -3.80 -10.45
C LEU C 169 9.60 -3.82 -11.02
N ARG C 170 10.30 -2.68 -10.99
CA ARG C 170 11.68 -2.50 -11.50
C ARG C 170 12.62 -3.42 -10.73
N ARG C 171 12.43 -3.59 -9.41
CA ARG C 171 13.24 -4.52 -8.58
C ARG C 171 12.95 -5.97 -8.97
N TYR C 172 11.69 -6.37 -9.15
CA TYR C 172 11.39 -7.77 -9.56
C TYR C 172 12.02 -8.03 -10.93
N LEU C 173 11.93 -7.08 -11.87
CA LEU C 173 12.47 -7.29 -13.24
C LEU C 173 13.99 -7.49 -13.21
N LYS C 174 14.71 -6.63 -12.50
CA LYS C 174 16.18 -6.66 -12.36
C LYS C 174 16.61 -8.03 -11.84
N SER C 175 15.85 -8.58 -10.88
CA SER C 175 16.23 -9.76 -10.08
C SER C 175 16.05 -11.05 -10.89
N GLY C 176 15.29 -11.04 -12.00
CA GLY C 176 15.11 -12.23 -12.86
C GLY C 176 14.02 -13.18 -12.36
N VAL C 177 13.24 -12.74 -11.38
CA VAL C 177 12.09 -13.48 -10.78
C VAL C 177 10.99 -13.69 -11.83
N ILE C 178 10.67 -12.69 -12.66
CA ILE C 178 9.65 -12.83 -13.77
C ILE C 178 10.33 -12.96 -15.13
N LEU C 179 11.29 -13.86 -15.26
CA LEU C 179 12.11 -13.98 -16.49
C LEU C 179 11.26 -14.63 -17.59
N ARG C 180 10.72 -13.82 -18.49
CA ARG C 180 9.90 -14.26 -19.65
C ARG C 180 10.80 -14.96 -20.69
N ARG C 181 10.58 -16.23 -21.02
CA ARG C 181 11.34 -16.92 -22.10
C ARG C 181 10.45 -17.14 -23.34
N THR C 182 11.04 -17.01 -24.53
CA THR C 182 10.38 -17.42 -25.79
C THR C 182 10.46 -18.94 -25.92
N VAL C 183 9.36 -19.58 -26.36
CA VAL C 183 9.31 -21.04 -26.60
C VAL C 183 8.77 -21.20 -28.00
N PRO C 184 9.60 -21.68 -28.96
CA PRO C 184 9.18 -21.79 -30.35
C PRO C 184 8.17 -22.92 -30.48
N PRO C 185 7.27 -22.83 -31.46
CA PRO C 185 6.28 -23.89 -31.65
C PRO C 185 6.95 -25.13 -32.22
N MET C 186 6.37 -26.30 -31.95
CA MET C 186 6.58 -27.47 -32.81
C MET C 186 5.46 -27.41 -33.85
N VAL C 187 5.79 -27.53 -35.12
CA VAL C 187 4.80 -27.52 -36.22
C VAL C 187 4.78 -28.92 -36.81
N ASN C 188 3.57 -29.40 -37.06
CA ASN C 188 3.29 -30.73 -37.64
C ASN C 188 2.10 -30.58 -38.58
N VAL C 189 2.25 -31.06 -39.81
CA VAL C 189 1.20 -31.09 -40.86
C VAL C 189 0.72 -32.53 -41.03
N THR C 190 -0.60 -32.76 -41.00
CA THR C 190 -1.25 -34.09 -41.21
C THR C 190 -2.36 -34.00 -42.27
N ARG C 191 -2.70 -35.14 -42.90
CA ARG C 191 -3.63 -35.22 -44.05
C ARG C 191 -4.74 -36.20 -43.65
N SER C 192 -6.02 -35.83 -43.79
CA SER C 192 -7.21 -36.64 -43.42
C SER C 192 -7.83 -37.23 -44.68
N GLU C 193 -8.25 -38.50 -44.60
CA GLU C 193 -8.44 -39.43 -45.76
C GLU C 193 -9.38 -38.85 -46.80
N ALA C 194 -9.21 -39.33 -48.04
CA ALA C 194 -9.72 -38.74 -49.29
C ALA C 194 -11.13 -39.27 -49.59
N SER C 195 -12.08 -38.94 -48.71
CA SER C 195 -13.54 -38.83 -48.98
C SER C 195 -13.78 -38.10 -50.31
N GLU C 196 -14.30 -38.80 -51.34
CA GLU C 196 -14.75 -38.24 -52.65
C GLU C 196 -13.59 -37.55 -53.40
N GLY C 197 -12.35 -37.95 -53.17
CA GLY C 197 -11.16 -37.39 -53.86
C GLY C 197 -10.64 -36.07 -53.28
N ASN C 198 -11.13 -35.65 -52.11
CA ASN C 198 -10.63 -34.44 -51.40
C ASN C 198 -9.96 -34.89 -50.10
N ILE C 199 -8.95 -34.15 -49.64
CA ILE C 199 -8.20 -34.36 -48.35
C ILE C 199 -8.23 -33.07 -47.54
N THR C 200 -8.29 -33.23 -46.23
CA THR C 200 -8.19 -32.15 -45.24
C THR C 200 -6.73 -32.14 -44.81
N VAL C 201 -6.04 -31.03 -45.04
CA VAL C 201 -4.66 -30.83 -44.53
C VAL C 201 -4.75 -29.92 -43.30
N THR C 202 -4.11 -30.33 -42.22
CA THR C 202 -4.15 -29.68 -40.91
C THR C 202 -2.71 -29.35 -40.50
N CYS C 203 -2.53 -28.13 -40.02
CA CYS C 203 -1.24 -27.60 -39.55
C CYS C 203 -1.38 -27.26 -38.08
N ARG C 204 -0.64 -27.94 -37.21
CA ARG C 204 -0.74 -27.73 -35.75
C ARG C 204 0.55 -27.13 -35.23
N ALA C 205 0.44 -26.08 -34.42
CA ALA C 205 1.57 -25.44 -33.75
C ALA C 205 1.34 -25.62 -32.27
N SER C 206 2.30 -26.23 -31.57
CA SER C 206 2.13 -26.63 -30.15
C SER C 206 3.33 -26.22 -29.31
N GLY C 207 3.11 -25.99 -28.01
CA GLY C 207 4.19 -25.74 -27.04
C GLY C 207 4.80 -24.34 -27.20
N PHE C 208 4.06 -23.35 -27.73
CA PHE C 208 4.66 -22.02 -28.03
C PHE C 208 4.28 -20.97 -26.98
N TYR C 209 5.20 -20.04 -26.80
CA TYR C 209 5.04 -18.85 -25.94
C TYR C 209 5.94 -17.80 -26.56
N PRO C 210 5.48 -16.54 -26.69
CA PRO C 210 4.17 -16.10 -26.22
C PRO C 210 2.98 -16.42 -27.12
N TRP C 211 1.81 -15.92 -26.70
CA TRP C 211 0.47 -16.29 -27.18
C TRP C 211 0.33 -15.93 -28.66
N ASN C 212 0.90 -14.80 -29.07
CA ASN C 212 0.68 -14.20 -30.42
C ASN C 212 1.37 -15.09 -31.45
N ILE C 213 0.64 -15.57 -32.44
CA ILE C 213 1.20 -16.42 -33.51
C ILE C 213 0.41 -16.11 -34.78
N THR C 214 1.05 -16.26 -35.91
CA THR C 214 0.37 -16.29 -37.23
C THR C 214 0.50 -17.71 -37.77
N LEU C 215 -0.60 -18.28 -38.23
CA LEU C 215 -0.63 -19.60 -38.88
C LEU C 215 -1.67 -19.56 -39.98
N SER C 216 -1.34 -20.07 -41.16
CA SER C 216 -2.25 -19.95 -42.31
C SER C 216 -1.79 -20.88 -43.41
N TRP C 217 -2.74 -21.53 -44.07
CA TRP C 217 -2.48 -22.25 -45.33
C TRP C 217 -2.24 -21.25 -46.43
N ARG C 218 -1.36 -21.62 -47.36
CA ARG C 218 -1.06 -20.84 -48.59
C ARG C 218 -1.19 -21.77 -49.79
N GLN C 219 -1.72 -21.25 -50.89
CA GLN C 219 -1.77 -21.95 -52.20
C GLN C 219 -0.81 -21.18 -53.12
N ASP C 220 0.22 -21.87 -53.62
CA ASP C 220 1.28 -21.23 -54.45
C ASP C 220 1.82 -19.99 -53.77
N GLY C 221 1.97 -20.04 -52.46
CA GLY C 221 2.56 -18.98 -51.64
C GLY C 221 1.61 -17.81 -51.35
N VAL C 222 0.32 -17.87 -51.67
CA VAL C 222 -0.68 -16.84 -51.27
C VAL C 222 -1.60 -17.40 -50.18
N SER C 223 -1.65 -16.70 -49.05
CA SER C 223 -2.55 -16.96 -47.89
C SER C 223 -4.00 -17.15 -48.38
N LEU C 224 -4.61 -18.28 -48.01
CA LEU C 224 -6.07 -18.48 -48.21
C LEU C 224 -6.85 -17.48 -47.34
N SER C 225 -8.02 -17.05 -47.82
CA SER C 225 -9.05 -16.27 -47.07
C SER C 225 -9.36 -16.96 -45.75
N HIS C 226 -9.77 -16.20 -44.74
CA HIS C 226 -10.27 -16.74 -43.45
C HIS C 226 -11.36 -17.80 -43.68
N ASP C 227 -12.32 -17.60 -44.59
CA ASP C 227 -13.57 -18.42 -44.70
C ASP C 227 -13.30 -19.77 -45.36
N THR C 228 -12.24 -19.92 -46.17
CA THR C 228 -11.85 -21.19 -46.84
C THR C 228 -10.95 -22.04 -45.91
N GLN C 229 -10.81 -21.65 -44.66
CA GLN C 229 -9.98 -22.40 -43.67
C GLN C 229 -10.82 -22.64 -42.42
N GLN C 230 -10.45 -23.68 -41.65
CA GLN C 230 -11.08 -24.05 -40.38
C GLN C 230 -10.02 -23.80 -39.32
N TRP C 231 -10.42 -23.30 -38.14
CA TRP C 231 -9.50 -22.62 -37.19
C TRP C 231 -9.71 -23.17 -35.79
N GLY C 232 -8.64 -23.64 -35.15
CA GLY C 232 -8.73 -23.91 -33.71
C GLY C 232 -8.57 -22.61 -32.99
N ASP C 233 -9.03 -22.58 -31.76
CA ASP C 233 -8.71 -21.49 -30.83
C ASP C 233 -7.23 -21.63 -30.45
N VAL C 234 -6.72 -20.71 -29.66
CA VAL C 234 -5.36 -20.79 -29.09
C VAL C 234 -5.61 -21.22 -27.66
N LEU C 235 -5.23 -22.45 -27.31
CA LEU C 235 -5.55 -23.06 -26.00
C LEU C 235 -4.28 -23.12 -25.18
N PRO C 236 -4.35 -23.01 -23.85
CA PRO C 236 -3.23 -23.39 -22.98
C PRO C 236 -2.82 -24.84 -23.26
N ASP C 237 -1.51 -25.12 -23.23
CA ASP C 237 -0.85 -26.39 -23.64
C ASP C 237 0.21 -26.73 -22.57
N GLY C 238 0.02 -26.20 -21.36
CA GLY C 238 0.73 -26.69 -20.17
C GLY C 238 2.20 -26.31 -20.18
N ASN C 239 2.77 -26.25 -18.98
CA ASN C 239 4.08 -25.61 -18.69
C ASN C 239 3.99 -24.16 -19.16
N GLY C 240 2.78 -23.56 -19.15
CA GLY C 240 2.56 -22.13 -19.48
C GLY C 240 2.59 -21.86 -20.99
N THR C 241 2.38 -22.87 -21.84
CA THR C 241 2.52 -22.64 -23.31
C THR C 241 1.17 -22.73 -23.98
N TYR C 242 1.11 -22.56 -25.31
CA TYR C 242 -0.15 -22.55 -26.10
C TYR C 242 -0.03 -23.49 -27.28
N GLN C 243 -1.19 -23.73 -27.89
CA GLN C 243 -1.39 -24.64 -29.04
C GLN C 243 -2.55 -24.09 -29.88
N THR C 244 -2.46 -24.25 -31.18
CA THR C 244 -3.52 -23.88 -32.13
C THR C 244 -3.33 -24.69 -33.40
N TRP C 245 -4.24 -24.55 -34.36
CA TRP C 245 -4.15 -25.31 -35.63
C TRP C 245 -4.98 -24.57 -36.66
N VAL C 246 -4.72 -24.89 -37.91
CA VAL C 246 -5.55 -24.38 -39.03
C VAL C 246 -5.63 -25.49 -40.06
N ALA C 247 -6.77 -25.61 -40.74
CA ALA C 247 -7.06 -26.70 -41.68
C ALA C 247 -7.67 -26.11 -42.96
N THR C 248 -7.60 -26.87 -44.04
CA THR C 248 -8.29 -26.53 -45.30
C THR C 248 -8.46 -27.81 -46.10
N ARG C 249 -9.42 -27.77 -47.00
CA ARG C 249 -9.93 -28.93 -47.75
C ARG C 249 -9.40 -28.75 -49.18
N ILE C 250 -8.56 -29.66 -49.68
CA ILE C 250 -8.02 -29.57 -51.07
C ILE C 250 -8.35 -30.84 -51.87
N CYS C 251 -8.12 -30.82 -53.18
CA CYS C 251 -8.25 -31.99 -54.10
C CYS C 251 -6.95 -32.82 -54.06
N GLN C 252 -7.05 -34.14 -53.91
CA GLN C 252 -5.91 -35.05 -54.21
C GLN C 252 -5.34 -34.65 -55.56
N GLY C 253 -4.01 -34.77 -55.67
CA GLY C 253 -3.21 -34.26 -56.81
C GLY C 253 -2.57 -32.93 -56.47
N GLU C 254 -3.30 -32.05 -55.77
CA GLU C 254 -2.91 -30.63 -55.52
C GLU C 254 -1.97 -30.47 -54.30
N GLU C 255 -1.69 -31.52 -53.50
CA GLU C 255 -1.02 -31.33 -52.19
C GLU C 255 0.22 -30.45 -52.36
N GLN C 256 0.92 -30.55 -53.50
CA GLN C 256 2.15 -29.80 -53.86
C GLN C 256 1.96 -28.29 -53.73
N ARG C 257 0.78 -27.78 -54.05
CA ARG C 257 0.54 -26.31 -54.14
C ARG C 257 0.35 -25.70 -52.74
N PHE C 258 0.13 -26.53 -51.72
CA PHE C 258 -0.38 -26.07 -50.40
C PHE C 258 0.71 -26.19 -49.35
N THR C 259 0.99 -25.10 -48.64
CA THR C 259 1.99 -25.06 -47.55
C THR C 259 1.39 -24.34 -46.34
N CYS C 260 1.96 -24.60 -45.18
CA CYS C 260 1.56 -23.96 -43.93
C CYS C 260 2.62 -22.94 -43.55
N TYR C 261 2.22 -21.69 -43.35
CA TYR C 261 3.12 -20.56 -43.01
C TYR C 261 2.92 -20.20 -41.54
N MET C 262 4.04 -20.12 -40.79
CA MET C 262 4.03 -19.87 -39.33
C MET C 262 4.96 -18.67 -39.05
N GLU C 263 4.48 -17.64 -38.36
CA GLU C 263 5.32 -16.56 -37.79
C GLU C 263 5.10 -16.52 -36.30
N HIS C 264 6.21 -16.50 -35.54
CA HIS C 264 6.24 -16.48 -34.07
C HIS C 264 7.54 -15.81 -33.59
N SER C 265 7.40 -14.72 -32.86
CA SER C 265 8.47 -13.83 -32.34
C SER C 265 9.69 -13.73 -33.29
N GLY C 266 9.42 -13.38 -34.55
CA GLY C 266 10.42 -13.15 -35.61
C GLY C 266 10.85 -14.44 -36.30
N ASN C 267 10.54 -15.62 -35.79
CA ASN C 267 10.74 -16.86 -36.58
C ASN C 267 9.68 -16.90 -37.67
N HIS C 268 10.00 -17.39 -38.84
CA HIS C 268 8.98 -17.68 -39.87
C HIS C 268 9.45 -18.94 -40.58
N SER C 269 8.54 -19.87 -40.83
CA SER C 269 8.86 -21.17 -41.45
C SER C 269 7.68 -21.57 -42.32
N THR C 270 7.92 -22.44 -43.29
CA THR C 270 6.91 -22.88 -44.27
C THR C 270 6.97 -24.38 -44.22
N HIS C 271 5.83 -25.04 -44.11
CA HIS C 271 5.76 -26.51 -43.88
C HIS C 271 4.95 -27.11 -45.02
N PRO C 272 5.53 -28.00 -45.83
CA PRO C 272 4.77 -28.66 -46.88
C PRO C 272 3.84 -29.74 -46.32
N VAL C 273 2.88 -30.17 -47.14
CA VAL C 273 2.10 -31.42 -46.92
C VAL C 273 3.11 -32.56 -47.11
N PRO C 274 3.27 -33.50 -46.16
CA PRO C 274 4.16 -34.64 -46.36
C PRO C 274 3.52 -35.66 -47.31
N SER C 275 4.33 -36.49 -47.98
CA SER C 275 3.89 -37.44 -49.05
C SER C 275 2.78 -38.38 -48.55
#